data_9SHS
#
_entry.id   9SHS
#
_cell.length_a   1.00
_cell.length_b   1.00
_cell.length_c   1.00
_cell.angle_alpha   90.00
_cell.angle_beta   90.00
_cell.angle_gamma   90.00
#
_symmetry.space_group_name_H-M   'P 1'
#
_entity_poly.entity_id   1
_entity_poly.type   'polypeptide(L)'
_entity_poly.pdbx_seq_one_letter_code
;GSVQIVYKPVDLSKVTSKCGSLGNIHHKPGGGQVEVKSEKLDFKDRVQSKIGSLDNITHVPGGGNKKIETHKLTFR
;
_entity_poly.pdbx_strand_id   A,C,E,G,B,D
#
# COMPACT_ATOMS: atom_id res chain seq x y z
N GLY A 1 -17.12 60.85 13.67
CA GLY A 1 -15.74 61.04 13.25
C GLY A 1 -15.52 60.90 11.74
N SER A 2 -14.28 61.06 11.28
CA SER A 2 -13.91 60.99 9.86
C SER A 2 -12.46 60.54 9.63
N VAL A 3 -12.18 60.01 8.43
CA VAL A 3 -10.87 59.44 8.09
C VAL A 3 -10.39 59.89 6.72
N GLN A 4 -9.12 60.31 6.59
CA GLN A 4 -8.44 60.52 5.32
C GLN A 4 -7.22 59.62 5.20
N ILE A 5 -7.13 58.82 4.13
CA ILE A 5 -5.94 58.02 3.81
C ILE A 5 -5.37 58.51 2.49
N VAL A 6 -4.12 58.93 2.50
CA VAL A 6 -3.40 59.43 1.33
C VAL A 6 -2.20 58.53 1.07
N TYR A 7 -2.07 58.01 -0.15
CA TYR A 7 -1.14 56.93 -0.48
C TYR A 7 -0.42 57.27 -1.78
N LYS A 8 0.80 57.82 -1.72
CA LYS A 8 1.51 58.41 -2.87
C LYS A 8 2.96 57.91 -3.06
N PRO A 9 3.25 56.60 -2.97
CA PRO A 9 4.62 56.10 -3.10
C PRO A 9 5.22 56.38 -4.49
N VAL A 10 6.53 56.59 -4.57
CA VAL A 10 7.24 56.93 -5.82
C VAL A 10 8.45 56.03 -6.05
N ASP A 11 8.60 55.48 -7.26
CA ASP A 11 9.87 54.90 -7.73
C ASP A 11 10.40 55.63 -8.96
N LEU A 12 11.60 56.19 -8.84
CA LEU A 12 12.45 56.52 -10.00
C LEU A 12 13.49 55.40 -10.24
N SER A 13 13.21 54.21 -9.72
CA SER A 13 14.11 53.06 -9.62
C SER A 13 14.61 52.52 -10.97
N LYS A 14 15.87 52.09 -11.04
CA LYS A 14 16.41 51.39 -12.22
C LYS A 14 17.12 50.08 -11.89
N VAL A 15 16.97 49.06 -12.73
CA VAL A 15 17.69 47.78 -12.61
C VAL A 15 18.38 47.52 -13.93
N THR A 16 19.66 47.15 -13.95
CA THR A 16 20.49 47.26 -15.16
C THR A 16 21.58 46.22 -15.23
N SER A 17 21.95 45.81 -16.45
CA SER A 17 23.22 45.15 -16.73
C SER A 17 23.88 45.72 -17.98
N LYS A 18 25.22 45.79 -17.99
CA LYS A 18 26.04 46.03 -19.18
C LYS A 18 27.08 44.91 -19.30
N CYS A 19 27.23 44.32 -20.48
CA CYS A 19 28.14 43.20 -20.70
C CYS A 19 28.76 43.22 -22.11
N GLY A 20 30.02 42.82 -22.27
CA GLY A 20 30.69 42.76 -23.57
C GLY A 20 30.22 41.57 -24.41
N SER A 21 30.61 40.34 -24.07
CA SER A 21 30.17 39.14 -24.80
C SER A 21 29.97 37.93 -23.89
N LEU A 22 29.10 37.00 -24.31
CA LEU A 22 28.78 35.79 -23.54
C LEU A 22 29.66 34.57 -23.88
N GLY A 23 30.71 34.74 -24.69
CA GLY A 23 31.81 33.76 -24.78
C GLY A 23 31.46 32.37 -25.32
N ASN A 24 32.15 31.33 -24.86
CA ASN A 24 31.98 29.96 -25.32
C ASN A 24 31.42 29.08 -24.18
N ILE A 25 30.27 28.43 -24.39
CA ILE A 25 29.62 27.64 -23.34
C ILE A 25 29.38 26.22 -23.85
N HIS A 26 29.79 25.22 -23.10
CA HIS A 26 29.76 23.81 -23.51
C HIS A 26 29.06 22.98 -22.44
N HIS A 27 27.75 22.82 -22.55
CA HIS A 27 26.99 21.95 -21.67
C HIS A 27 27.04 20.52 -22.22
N LYS A 28 27.82 19.63 -21.62
CA LYS A 28 28.08 18.27 -22.12
C LYS A 28 28.04 17.18 -21.03
N PRO A 29 26.95 17.05 -20.26
CA PRO A 29 26.82 15.98 -19.26
C PRO A 29 26.75 14.59 -19.89
N GLY A 30 27.28 13.58 -19.21
CA GLY A 30 27.08 12.18 -19.57
C GLY A 30 25.65 11.71 -19.32
N GLY A 31 25.22 10.68 -20.04
CA GLY A 31 23.85 10.16 -19.98
C GLY A 31 23.52 9.50 -18.63
N GLY A 32 22.45 9.97 -17.98
CA GLY A 32 21.99 9.47 -16.68
C GLY A 32 20.95 8.34 -16.77
N GLN A 33 20.40 7.94 -15.63
CA GLN A 33 19.28 7.00 -15.54
C GLN A 33 18.45 7.24 -14.28
N VAL A 34 17.12 7.08 -14.36
CA VAL A 34 16.21 7.19 -13.21
C VAL A 34 15.20 6.04 -13.19
N GLU A 35 14.92 5.47 -12.02
CA GLU A 35 13.89 4.44 -11.86
C GLU A 35 13.04 4.66 -10.59
N VAL A 36 11.72 4.56 -10.70
CA VAL A 36 10.82 4.70 -9.55
C VAL A 36 9.77 3.59 -9.52
N LYS A 37 9.53 2.97 -8.36
CA LYS A 37 8.48 1.96 -8.17
C LYS A 37 7.60 2.32 -6.99
N SER A 38 6.29 2.18 -7.15
CA SER A 38 5.31 2.30 -6.07
C SER A 38 4.11 1.42 -6.37
N GLU A 39 2.99 1.58 -5.64
CA GLU A 39 1.77 0.79 -5.85
C GLU A 39 0.52 1.69 -5.87
N LYS A 40 0.33 2.59 -4.89
CA LYS A 40 -0.80 3.53 -4.86
C LYS A 40 -0.37 4.98 -4.67
N LEU A 41 -0.98 5.89 -5.45
CA LEU A 41 -0.95 7.34 -5.25
C LEU A 41 -2.38 7.86 -5.09
N ASP A 42 -2.61 8.68 -4.08
CA ASP A 42 -3.95 9.13 -3.68
C ASP A 42 -3.87 10.57 -3.18
N PHE A 43 -4.26 11.53 -4.02
CA PHE A 43 -4.05 12.96 -3.77
C PHE A 43 -5.37 13.72 -3.65
N LYS A 44 -5.53 14.51 -2.59
CA LYS A 44 -6.74 15.27 -2.32
C LYS A 44 -6.44 16.73 -1.95
N ASP A 45 -7.16 17.67 -2.56
CA ASP A 45 -7.26 19.07 -2.15
C ASP A 45 -5.95 19.89 -2.23
N ARG A 46 -5.72 20.55 -3.38
CA ARG A 46 -4.53 21.38 -3.69
C ARG A 46 -3.22 20.60 -3.60
N VAL A 47 -2.88 19.86 -4.65
CA VAL A 47 -1.66 19.03 -4.71
C VAL A 47 -0.87 19.27 -6.00
N GLN A 48 0.45 19.33 -5.89
CA GLN A 48 1.38 19.21 -7.01
C GLN A 48 2.32 18.03 -6.80
N SER A 49 2.75 17.37 -7.87
CA SER A 49 3.90 16.45 -7.82
C SER A 49 4.65 16.35 -9.14
N LYS A 50 5.92 15.98 -9.06
CA LYS A 50 6.72 15.51 -10.20
C LYS A 50 7.32 14.15 -9.84
N ILE A 51 7.23 13.17 -10.73
CA ILE A 51 7.82 11.84 -10.50
C ILE A 51 8.65 11.43 -11.71
N GLY A 52 9.93 11.11 -11.52
CA GLY A 52 10.80 10.57 -12.57
C GLY A 52 11.07 11.57 -13.68
N SER A 53 11.97 12.53 -13.49
CA SER A 53 12.15 13.63 -14.44
C SER A 53 13.62 13.97 -14.70
N LEU A 54 14.28 13.14 -15.52
CA LEU A 54 15.65 13.37 -15.99
C LEU A 54 15.73 14.60 -16.89
N ASP A 55 16.46 15.62 -16.47
CA ASP A 55 16.32 16.98 -16.99
C ASP A 55 17.67 17.65 -17.28
N ASN A 56 17.83 18.31 -18.43
CA ASN A 56 19.02 19.07 -18.80
C ASN A 56 18.64 20.47 -19.30
N ILE A 57 19.28 21.52 -18.80
CA ILE A 57 18.99 22.90 -19.22
C ILE A 57 20.28 23.68 -19.50
N THR A 58 20.30 24.43 -20.59
CA THR A 58 21.22 25.54 -20.79
C THR A 58 20.43 26.83 -20.93
N HIS A 59 20.55 27.75 -19.99
CA HIS A 59 19.84 29.02 -19.99
C HIS A 59 20.84 30.17 -20.01
N VAL A 60 20.88 30.97 -21.07
CA VAL A 60 21.94 31.96 -21.29
C VAL A 60 21.34 33.29 -21.77
N PRO A 61 20.55 33.98 -20.93
CA PRO A 61 19.99 35.26 -21.32
C PRO A 61 21.08 36.33 -21.38
N GLY A 62 21.05 37.21 -22.37
CA GLY A 62 21.85 38.45 -22.43
C GLY A 62 21.40 39.53 -21.44
N GLY A 63 21.20 39.14 -20.18
CA GLY A 63 20.60 39.92 -19.11
C GLY A 63 19.29 39.31 -18.67
N GLY A 64 19.17 38.93 -17.40
CA GLY A 64 17.99 38.31 -16.79
C GLY A 64 17.41 39.14 -15.64
N ASN A 65 17.54 40.46 -15.71
CA ASN A 65 17.24 41.40 -14.63
C ASN A 65 15.74 41.47 -14.32
N LYS A 66 15.33 41.69 -13.07
CA LYS A 66 13.89 41.89 -12.76
C LYS A 66 13.55 42.81 -11.59
N LYS A 67 12.34 43.35 -11.57
CA LYS A 67 11.70 44.02 -10.42
C LYS A 67 10.39 43.32 -10.11
N ILE A 68 10.18 42.90 -8.87
CA ILE A 68 8.90 42.38 -8.38
C ILE A 68 8.38 43.35 -7.36
N GLU A 69 7.16 43.87 -7.52
CA GLU A 69 6.61 44.88 -6.63
C GLU A 69 5.13 44.65 -6.32
N THR A 70 4.69 44.91 -5.10
CA THR A 70 3.26 44.85 -4.76
C THR A 70 2.84 46.00 -3.86
N HIS A 71 1.56 46.38 -3.94
CA HIS A 71 0.91 47.34 -3.07
C HIS A 71 -0.39 46.78 -2.56
N LYS A 72 -0.68 46.94 -1.27
CA LYS A 72 -1.99 46.62 -0.70
C LYS A 72 -2.45 47.70 0.28
N LEU A 73 -3.71 48.08 0.18
CA LEU A 73 -4.42 48.87 1.17
C LEU A 73 -5.72 48.15 1.50
N THR A 74 -6.02 47.97 2.79
CA THR A 74 -7.26 47.36 3.24
C THR A 74 -7.86 48.17 4.38
N PHE A 75 -9.19 48.33 4.37
CA PHE A 75 -9.93 49.20 5.26
C PHE A 75 -11.20 48.51 5.76
N ARG A 76 -11.49 48.61 7.05
CA ARG A 76 -12.77 48.15 7.63
C ARG A 76 -13.34 49.15 8.63
N GLY B 1 -13.45 61.66 17.55
CA GLY B 1 -12.17 62.00 16.95
C GLY B 1 -12.08 61.69 15.45
N SER B 2 -10.95 62.03 14.82
CA SER B 2 -10.71 61.88 13.39
C SER B 2 -9.24 61.56 13.08
N VAL B 3 -8.97 60.96 11.92
CA VAL B 3 -7.67 60.35 11.60
C VAL B 3 -7.18 60.79 10.21
N GLN B 4 -5.89 61.08 10.09
CA GLN B 4 -5.21 61.28 8.81
C GLN B 4 -3.99 60.36 8.74
N ILE B 5 -3.83 59.63 7.64
CA ILE B 5 -2.68 58.75 7.39
C ILE B 5 -2.08 59.16 6.06
N VAL B 6 -0.78 59.45 6.03
CA VAL B 6 -0.13 60.06 4.87
C VAL B 6 1.12 59.26 4.51
N TYR B 7 0.98 58.34 3.56
CA TYR B 7 1.98 57.33 3.21
C TYR B 7 2.70 57.74 1.92
N LYS B 8 3.98 58.13 2.00
CA LYS B 8 4.73 58.75 0.89
C LYS B 8 6.18 58.23 0.71
N PRO B 9 6.47 56.92 0.78
CA PRO B 9 7.85 56.43 0.62
C PRO B 9 8.38 56.71 -0.79
N VAL B 10 9.68 56.94 -0.91
CA VAL B 10 10.35 57.28 -2.18
C VAL B 10 11.57 56.38 -2.40
N ASP B 11 11.72 55.81 -3.59
CA ASP B 11 12.93 55.11 -4.01
C ASP B 11 13.55 55.77 -5.24
N LEU B 12 14.79 56.25 -5.10
CA LEU B 12 15.63 56.74 -6.19
C LEU B 12 16.76 55.74 -6.53
N SER B 13 16.48 54.45 -6.35
CA SER B 13 17.46 53.37 -6.23
C SER B 13 18.01 52.92 -7.59
N LYS B 14 19.25 52.44 -7.61
CA LYS B 14 19.80 51.68 -8.73
C LYS B 14 20.38 50.34 -8.28
N VAL B 15 20.19 49.32 -9.09
CA VAL B 15 20.79 47.98 -8.91
C VAL B 15 21.52 47.79 -10.23
N THR B 16 22.81 47.50 -10.25
CA THR B 16 23.57 47.48 -11.50
C THR B 16 24.76 46.54 -11.52
N SER B 17 25.10 46.07 -12.71
CA SER B 17 26.27 45.25 -12.98
C SER B 17 26.95 45.78 -14.25
N LYS B 18 28.27 45.71 -14.29
CA LYS B 18 29.11 45.96 -15.46
C LYS B 18 30.13 44.82 -15.56
N CYS B 19 30.31 44.22 -16.72
CA CYS B 19 31.20 43.07 -16.89
C CYS B 19 31.88 43.05 -18.26
N GLY B 20 33.13 42.56 -18.33
CA GLY B 20 33.91 42.51 -19.58
C GLY B 20 33.44 41.40 -20.53
N SER B 21 33.66 40.14 -20.17
CA SER B 21 33.22 38.97 -20.95
C SER B 21 33.00 37.75 -20.05
N LEU B 22 32.17 36.81 -20.50
CA LEU B 22 31.91 35.59 -19.73
C LEU B 22 32.87 34.41 -20.01
N GLY B 23 33.94 34.63 -20.78
CA GLY B 23 34.98 33.62 -20.99
C GLY B 23 34.53 32.28 -21.57
N ASN B 24 35.18 31.20 -21.11
CA ASN B 24 34.94 29.82 -21.53
C ASN B 24 34.37 29.01 -20.36
N ILE B 25 33.17 28.45 -20.51
CA ILE B 25 32.48 27.72 -19.43
C ILE B 25 32.14 26.32 -19.91
N HIS B 26 32.70 25.31 -19.25
CA HIS B 26 32.45 23.91 -19.56
C HIS B 26 31.67 23.27 -18.42
N HIS B 27 30.60 22.55 -18.72
CA HIS B 27 29.81 21.83 -17.73
C HIS B 27 29.72 20.37 -18.17
N LYS B 28 30.64 19.55 -17.65
CA LYS B 28 31.00 18.26 -18.25
C LYS B 28 30.99 17.10 -17.24
N PRO B 29 29.92 16.93 -16.43
CA PRO B 29 29.81 15.88 -15.42
C PRO B 29 29.66 14.47 -16.00
N GLY B 30 30.20 13.45 -15.32
CA GLY B 30 29.88 12.06 -15.63
C GLY B 30 28.43 11.68 -15.31
N GLY B 31 27.92 10.64 -15.96
CA GLY B 31 26.53 10.20 -15.82
C GLY B 31 26.19 9.64 -14.44
N GLY B 32 25.13 10.12 -13.81
CA GLY B 32 24.62 9.63 -12.53
C GLY B 32 23.57 8.52 -12.66
N GLN B 33 22.97 8.12 -11.54
CA GLN B 33 21.89 7.15 -11.47
C GLN B 33 21.05 7.34 -10.21
N VAL B 34 19.73 7.21 -10.31
CA VAL B 34 18.78 7.33 -9.18
C VAL B 34 17.78 6.19 -9.17
N GLU B 35 17.49 5.63 -8.00
CA GLU B 35 16.43 4.63 -7.84
C GLU B 35 15.61 4.87 -6.57
N VAL B 36 14.28 4.78 -6.65
CA VAL B 36 13.36 4.92 -5.49
C VAL B 36 12.32 3.82 -5.47
N LYS B 37 12.04 3.25 -4.29
CA LYS B 37 10.98 2.26 -4.07
C LYS B 37 10.08 2.69 -2.92
N SER B 38 8.77 2.57 -3.09
CA SER B 38 7.77 2.78 -2.04
C SER B 38 6.55 1.88 -2.28
N GLU B 39 5.46 2.07 -1.55
CA GLU B 39 4.21 1.31 -1.76
C GLU B 39 2.99 2.22 -1.84
N LYS B 40 2.85 3.18 -0.91
CA LYS B 40 1.72 4.12 -0.88
C LYS B 40 2.16 5.57 -0.68
N LEU B 41 1.53 6.48 -1.44
CA LEU B 41 1.56 7.92 -1.22
C LEU B 41 0.13 8.43 -1.09
N ASP B 42 -0.14 9.20 -0.05
CA ASP B 42 -1.47 9.62 0.34
C ASP B 42 -1.42 11.04 0.90
N PHE B 43 -1.69 12.02 0.05
CA PHE B 43 -1.52 13.46 0.32
C PHE B 43 -2.84 14.19 0.40
N LYS B 44 -3.01 15.03 1.43
CA LYS B 44 -4.22 15.80 1.69
C LYS B 44 -3.89 17.26 2.02
N ASP B 45 -4.61 18.21 1.42
CA ASP B 45 -4.66 19.63 1.81
C ASP B 45 -3.31 20.40 1.72
N ARG B 46 -3.07 21.05 0.56
CA ARG B 46 -1.88 21.88 0.26
C ARG B 46 -0.54 21.14 0.37
N VAL B 47 -0.19 20.38 -0.66
CA VAL B 47 1.03 19.56 -0.74
C VAL B 47 1.84 19.78 -2.02
N GLN B 48 3.17 19.82 -1.92
CA GLN B 48 4.10 19.66 -3.04
C GLN B 48 5.02 18.46 -2.82
N SER B 49 5.46 17.80 -3.89
CA SER B 49 6.55 16.81 -3.82
C SER B 49 7.31 16.68 -5.14
N LYS B 50 8.56 16.21 -5.06
CA LYS B 50 9.36 15.75 -6.20
C LYS B 50 9.95 14.40 -5.84
N ILE B 51 9.87 13.42 -6.73
CA ILE B 51 10.44 12.08 -6.52
C ILE B 51 11.28 11.69 -7.73
N GLY B 52 12.56 11.39 -7.51
CA GLY B 52 13.48 10.88 -8.54
C GLY B 52 13.74 11.90 -9.66
N SER B 53 14.68 12.81 -9.49
CA SER B 53 14.92 13.88 -10.46
C SER B 53 16.39 14.22 -10.65
N LEU B 54 17.09 13.38 -11.41
CA LEU B 54 18.46 13.63 -11.86
C LEU B 54 18.46 14.82 -12.84
N ASP B 55 19.28 15.83 -12.58
CA ASP B 55 19.03 17.18 -13.08
C ASP B 55 20.32 17.98 -13.28
N ASN B 56 20.61 18.43 -14.49
CA ASN B 56 21.77 19.24 -14.83
C ASN B 56 21.37 20.62 -15.36
N ILE B 57 21.86 21.70 -14.76
CA ILE B 57 21.55 23.07 -15.19
C ILE B 57 22.85 23.84 -15.43
N THR B 58 22.98 24.48 -16.57
CA THR B 58 23.92 25.57 -16.79
C THR B 58 23.11 26.85 -16.91
N HIS B 59 23.44 27.88 -16.14
CA HIS B 59 22.68 29.13 -16.08
C HIS B 59 23.67 30.27 -16.05
N VAL B 60 23.80 30.99 -17.16
CA VAL B 60 24.87 31.97 -17.40
C VAL B 60 24.27 33.28 -17.88
N PRO B 61 23.50 33.99 -17.04
CA PRO B 61 22.97 35.29 -17.42
C PRO B 61 24.10 36.32 -17.52
N GLY B 62 24.04 37.21 -18.51
CA GLY B 62 24.86 38.42 -18.57
C GLY B 62 24.40 39.48 -17.56
N GLY B 63 24.38 39.13 -16.28
CA GLY B 63 23.78 39.89 -15.18
C GLY B 63 22.36 39.42 -14.88
N GLY B 64 22.12 39.05 -13.62
CA GLY B 64 20.85 38.52 -13.10
C GLY B 64 20.39 39.29 -11.85
N ASN B 65 20.57 40.60 -11.86
CA ASN B 65 20.26 41.49 -10.75
C ASN B 65 18.75 41.62 -10.51
N LYS B 66 18.32 41.85 -9.27
CA LYS B 66 16.89 42.01 -8.98
C LYS B 66 16.58 42.89 -7.77
N LYS B 67 15.37 43.43 -7.74
CA LYS B 67 14.79 44.21 -6.64
C LYS B 67 13.45 43.58 -6.28
N ILE B 68 13.23 43.21 -5.04
CA ILE B 68 11.97 42.61 -4.57
C ILE B 68 11.39 43.53 -3.51
N GLU B 69 10.15 43.99 -3.68
CA GLU B 69 9.60 45.07 -2.87
C GLU B 69 8.11 44.87 -2.58
N THR B 70 7.65 45.20 -1.37
CA THR B 70 6.22 45.20 -1.04
C THR B 70 5.85 46.43 -0.23
N HIS B 71 4.60 46.87 -0.32
CA HIS B 71 4.02 47.91 0.53
C HIS B 71 2.67 47.40 1.05
N LYS B 72 2.39 47.63 2.33
CA LYS B 72 1.08 47.32 2.92
C LYS B 72 0.65 48.40 3.90
N LEU B 73 -0.61 48.80 3.85
CA LEU B 73 -1.29 49.56 4.89
C LEU B 73 -2.59 48.86 5.24
N THR B 74 -2.91 48.72 6.52
CA THR B 74 -4.15 48.10 6.99
C THR B 74 -4.77 48.95 8.08
N PHE B 75 -6.09 49.12 8.03
CA PHE B 75 -6.85 49.99 8.93
C PHE B 75 -8.13 49.32 9.40
N ARG B 76 -8.45 49.43 10.69
CA ARG B 76 -9.73 49.02 11.26
C ARG B 76 -10.28 50.08 12.22
N GLY C 1 -20.53 60.24 9.91
CA GLY C 1 -19.13 60.35 9.53
C GLY C 1 -18.88 60.27 8.02
N SER C 2 -17.62 60.44 7.59
CA SER C 2 -17.22 60.37 6.18
C SER C 2 -15.77 59.89 6.00
N VAL C 3 -15.46 59.34 4.84
CA VAL C 3 -14.15 58.74 4.52
C VAL C 3 -13.65 59.19 3.15
N GLN C 4 -12.36 59.53 3.03
CA GLN C 4 -11.70 59.82 1.76
C GLN C 4 -10.42 59.00 1.61
N ILE C 5 -10.22 58.38 0.45
CA ILE C 5 -9.02 57.60 0.12
C ILE C 5 -8.45 58.13 -1.19
N VAL C 6 -7.17 58.47 -1.21
CA VAL C 6 -6.51 59.11 -2.36
C VAL C 6 -5.26 58.32 -2.72
N TYR C 7 -5.40 57.40 -3.67
CA TYR C 7 -4.38 56.42 -4.05
C TYR C 7 -3.72 56.84 -5.36
N LYS C 8 -2.45 57.24 -5.34
CA LYS C 8 -1.74 57.85 -6.48
C LYS C 8 -0.28 57.38 -6.67
N PRO C 9 0.02 56.07 -6.64
CA PRO C 9 1.39 55.58 -6.79
C PRO C 9 1.99 55.94 -8.16
N VAL C 10 3.31 56.20 -8.23
CA VAL C 10 4.02 56.59 -9.46
C VAL C 10 5.28 55.74 -9.69
N ASP C 11 5.47 55.24 -10.91
CA ASP C 11 6.74 54.69 -11.38
C ASP C 11 7.24 55.47 -12.61
N LEU C 12 8.44 56.04 -12.54
CA LEU C 12 9.23 56.41 -13.74
C LEU C 12 10.38 55.40 -13.95
N SER C 13 10.13 54.14 -13.59
CA SER C 13 11.15 53.09 -13.45
C SER C 13 11.55 52.42 -14.76
N LYS C 14 12.79 51.91 -14.84
CA LYS C 14 13.29 51.14 -16.00
C LYS C 14 13.99 49.84 -15.62
N VAL C 15 13.86 48.83 -16.47
CA VAL C 15 14.54 47.54 -16.37
C VAL C 15 15.27 47.41 -17.70
N THR C 16 16.57 47.16 -17.72
CA THR C 16 17.35 47.20 -18.96
C THR C 16 18.50 46.20 -19.00
N SER C 17 18.86 45.77 -20.21
CA SER C 17 20.16 45.16 -20.48
C SER C 17 20.80 45.78 -21.72
N LYS C 18 22.13 45.86 -21.73
CA LYS C 18 22.93 46.08 -22.94
C LYS C 18 23.97 44.98 -23.04
N CYS C 19 24.09 44.36 -24.20
CA CYS C 19 25.01 43.25 -24.44
C CYS C 19 25.59 43.32 -25.86
N GLY C 20 26.87 42.99 -26.05
CA GLY C 20 27.52 43.00 -27.36
C GLY C 20 27.12 41.83 -28.24
N SER C 21 27.46 40.59 -27.84
CA SER C 21 27.12 39.39 -28.60
C SER C 21 26.94 38.13 -27.74
N LEU C 22 26.13 37.18 -28.21
CA LEU C 22 25.76 35.98 -27.45
C LEU C 22 26.71 34.78 -27.65
N GLY C 23 27.83 34.96 -28.36
CA GLY C 23 28.88 33.94 -28.53
C GLY C 23 28.49 32.59 -29.15
N ASN C 24 29.17 31.53 -28.72
CA ASN C 24 28.98 30.15 -29.18
C ASN C 24 28.47 29.28 -28.04
N ILE C 25 27.31 28.66 -28.19
CA ILE C 25 26.69 27.85 -27.14
C ILE C 25 26.40 26.46 -27.67
N HIS C 26 27.02 25.45 -27.09
CA HIS C 26 26.82 24.05 -27.45
C HIS C 26 26.09 23.35 -26.31
N HIS C 27 25.01 22.65 -26.62
CA HIS C 27 24.22 21.90 -25.65
C HIS C 27 24.14 20.48 -26.16
N LYS C 28 25.04 19.64 -25.65
CA LYS C 28 25.47 18.39 -26.27
C LYS C 28 25.44 17.21 -25.27
N PRO C 29 24.32 16.97 -24.55
CA PRO C 29 24.19 15.94 -23.53
C PRO C 29 24.19 14.52 -24.08
N GLY C 30 24.75 13.55 -23.34
CA GLY C 30 24.55 12.12 -23.64
C GLY C 30 23.10 11.65 -23.41
N GLY C 31 22.71 10.55 -24.06
CA GLY C 31 21.35 10.01 -23.99
C GLY C 31 20.96 9.43 -22.63
N GLY C 32 19.83 9.86 -22.08
CA GLY C 32 19.30 9.39 -20.80
C GLY C 32 18.34 8.20 -20.89
N GLN C 33 17.77 7.80 -19.76
CA GLN C 33 16.71 6.78 -19.65
C GLN C 33 15.90 6.97 -18.36
N VAL C 34 14.58 6.79 -18.43
CA VAL C 34 13.66 6.90 -17.28
C VAL C 34 12.67 5.73 -17.27
N GLU C 35 12.39 5.15 -16.11
CA GLU C 35 11.34 4.15 -15.94
C GLU C 35 10.51 4.37 -14.67
N VAL C 36 9.19 4.27 -14.75
CA VAL C 36 8.29 4.42 -13.59
C VAL C 36 7.24 3.31 -13.58
N LYS C 37 6.98 2.69 -12.41
CA LYS C 37 5.89 1.72 -12.21
C LYS C 37 5.01 2.08 -11.03
N SER C 38 3.70 2.00 -11.20
CA SER C 38 2.73 1.99 -10.10
C SER C 38 1.49 1.19 -10.52
N GLU C 39 0.44 1.16 -9.70
CA GLU C 39 -0.74 0.31 -9.94
C GLU C 39 -2.07 1.09 -9.89
N LYS C 40 -2.24 2.02 -8.94
CA LYS C 40 -3.39 2.95 -8.91
C LYS C 40 -2.97 4.40 -8.69
N LEU C 41 -3.59 5.32 -9.43
CA LEU C 41 -3.53 6.77 -9.21
C LEU C 41 -4.95 7.33 -9.08
N ASP C 42 -5.19 8.14 -8.05
CA ASP C 42 -6.53 8.62 -7.71
C ASP C 42 -6.47 10.06 -7.17
N PHE C 43 -6.78 11.04 -8.02
CA PHE C 43 -6.61 12.47 -7.76
C PHE C 43 -7.95 13.19 -7.61
N LYS C 44 -8.11 14.01 -6.57
CA LYS C 44 -9.36 14.76 -6.29
C LYS C 44 -9.07 16.21 -5.89
N ASP C 45 -9.85 17.14 -6.45
CA ASP C 45 -9.97 18.55 -6.05
C ASP C 45 -8.67 19.38 -6.14
N ARG C 46 -8.45 20.06 -7.28
CA ARG C 46 -7.28 20.90 -7.59
C ARG C 46 -5.95 20.14 -7.52
N VAL C 47 -5.62 19.37 -8.56
CA VAL C 47 -4.39 18.56 -8.64
C VAL C 47 -3.61 18.83 -9.92
N GLN C 48 -2.28 18.89 -9.83
CA GLN C 48 -1.35 18.75 -10.95
C GLN C 48 -0.41 17.58 -10.73
N SER C 49 0.02 16.93 -11.82
CA SER C 49 1.17 16.03 -11.77
C SER C 49 1.91 15.95 -13.11
N LYS C 50 3.18 15.55 -13.07
CA LYS C 50 3.96 15.07 -14.21
C LYS C 50 4.61 13.76 -13.82
N ILE C 51 4.53 12.75 -14.67
CA ILE C 51 5.09 11.42 -14.41
C ILE C 51 5.92 10.98 -15.62
N GLY C 52 7.20 10.68 -15.43
CA GLY C 52 8.09 10.15 -16.47
C GLY C 52 8.34 11.13 -17.59
N SER C 53 9.31 12.03 -17.46
CA SER C 53 9.51 13.12 -18.42
C SER C 53 10.98 13.49 -18.68
N LEU C 54 11.67 12.74 -19.54
CA LEU C 54 12.99 13.09 -20.05
C LEU C 54 12.91 14.38 -20.88
N ASP C 55 13.72 15.40 -20.56
CA ASP C 55 13.48 16.78 -21.02
C ASP C 55 14.81 17.57 -21.20
N ASN C 56 15.09 18.07 -22.40
CA ASN C 56 16.26 18.90 -22.72
C ASN C 56 15.85 20.29 -23.21
N ILE C 57 16.36 21.37 -22.62
CA ILE C 57 16.03 22.76 -23.01
C ILE C 57 17.28 23.59 -23.26
N THR C 58 17.35 24.28 -24.39
CA THR C 58 18.24 25.44 -24.59
C THR C 58 17.41 26.71 -24.67
N HIS C 59 17.75 27.77 -23.94
CA HIS C 59 16.98 29.01 -23.91
C HIS C 59 17.93 30.20 -23.90
N VAL C 60 18.04 30.94 -24.99
CA VAL C 60 19.08 31.95 -25.20
C VAL C 60 18.46 33.27 -25.70
N PRO C 61 17.63 33.96 -24.91
CA PRO C 61 17.05 35.22 -25.30
C PRO C 61 18.12 36.33 -25.33
N GLY C 62 18.03 37.26 -26.28
CA GLY C 62 18.85 38.47 -26.34
C GLY C 62 18.43 39.52 -25.29
N GLY C 63 18.43 39.10 -24.03
CA GLY C 63 17.85 39.82 -22.90
C GLY C 63 16.45 39.29 -22.61
N GLY C 64 16.22 38.85 -21.37
CA GLY C 64 14.97 38.27 -20.88
C GLY C 64 14.45 38.98 -19.63
N ASN C 65 14.61 40.29 -19.58
CA ASN C 65 14.34 41.13 -18.41
C ASN C 65 12.84 41.26 -18.16
N LYS C 66 12.38 41.44 -16.90
CA LYS C 66 10.94 41.60 -16.64
C LYS C 66 10.56 42.42 -15.42
N LYS C 67 9.33 42.94 -15.42
CA LYS C 67 8.69 43.70 -14.34
C LYS C 67 7.38 43.02 -13.99
N ILE C 68 7.15 42.70 -12.73
CA ILE C 68 5.90 42.16 -12.20
C ILE C 68 5.38 43.12 -11.15
N GLU C 69 4.15 43.60 -11.30
CA GLU C 69 3.59 44.60 -10.41
C GLU C 69 2.13 44.33 -10.11
N THR C 70 1.69 44.49 -8.87
CA THR C 70 0.28 44.37 -8.48
C THR C 70 -0.15 45.50 -7.54
N HIS C 71 -1.43 45.84 -7.60
CA HIS C 71 -2.10 46.79 -6.72
C HIS C 71 -3.39 46.19 -6.21
N LYS C 72 -3.71 46.35 -4.93
CA LYS C 72 -5.05 46.04 -4.41
C LYS C 72 -5.51 47.07 -3.40
N LEU C 73 -6.75 47.50 -3.52
CA LEU C 73 -7.49 48.27 -2.54
C LEU C 73 -8.78 47.53 -2.23
N THR C 74 -9.11 47.35 -0.95
CA THR C 74 -10.36 46.72 -0.52
C THR C 74 -10.95 47.48 0.67
N PHE C 75 -12.27 47.64 0.69
CA PHE C 75 -12.98 48.48 1.65
C PHE C 75 -14.25 47.77 2.13
N ARG C 76 -14.54 47.76 3.43
CA ARG C 76 -15.79 47.21 4.00
C ARG C 76 -16.41 48.13 5.04
N GLY D 1 26.98 -58.76 3.09
CA GLY D 1 25.97 -58.86 4.13
C GLY D 1 24.55 -58.99 3.60
N SER D 2 23.57 -59.08 4.49
CA SER D 2 22.14 -59.25 4.14
C SER D 2 21.20 -58.68 5.20
N VAL D 3 19.96 -58.36 4.80
CA VAL D 3 18.97 -57.72 5.67
C VAL D 3 17.59 -58.36 5.54
N GLN D 4 16.92 -58.65 6.66
CA GLN D 4 15.51 -59.02 6.70
C GLN D 4 14.70 -58.03 7.53
N ILE D 5 13.64 -57.45 6.97
CA ILE D 5 12.71 -56.58 7.69
C ILE D 5 11.33 -57.25 7.68
N VAL D 6 10.78 -57.51 8.85
CA VAL D 6 9.48 -58.14 9.03
C VAL D 6 8.56 -57.17 9.77
N TYR D 7 7.39 -56.89 9.23
CA TYR D 7 6.53 -55.79 9.68
C TYR D 7 5.09 -56.28 9.77
N LYS D 8 4.62 -56.67 10.95
CA LYS D 8 3.34 -57.37 11.16
C LYS D 8 2.41 -56.75 12.22
N PRO D 9 2.20 -55.43 12.27
CA PRO D 9 1.37 -54.81 13.30
C PRO D 9 -0.09 -55.27 13.23
N VAL D 10 -0.77 -55.36 14.38
CA VAL D 10 -2.17 -55.84 14.47
C VAL D 10 -3.06 -54.87 15.25
N ASP D 11 -4.24 -54.53 14.72
CA ASP D 11 -5.32 -53.92 15.49
C ASP D 11 -6.58 -54.80 15.52
N LEU D 12 -6.99 -55.19 16.72
CA LEU D 12 -8.36 -55.62 16.99
C LEU D 12 -9.20 -54.47 17.57
N SER D 13 -8.75 -53.24 17.34
CA SER D 13 -9.23 -52.00 17.94
C SER D 13 -10.70 -51.67 17.66
N LYS D 14 -11.42 -51.11 18.62
CA LYS D 14 -12.79 -50.59 18.41
C LYS D 14 -12.99 -49.17 18.94
N VAL D 15 -13.74 -48.36 18.21
CA VAL D 15 -14.11 -46.98 18.59
C VAL D 15 -15.63 -46.87 18.53
N THR D 16 -16.31 -46.42 19.58
CA THR D 16 -17.76 -46.67 19.73
C THR D 16 -18.49 -45.60 20.53
N SER D 17 -19.77 -45.42 20.22
CA SER D 17 -20.70 -44.60 21.01
C SER D 17 -22.04 -45.33 21.17
N LYS D 18 -22.69 -45.21 22.32
CA LYS D 18 -24.09 -45.58 22.54
C LYS D 18 -24.83 -44.40 23.16
N CYS D 19 -25.98 -44.01 22.63
CA CYS D 19 -26.75 -42.87 23.12
C CYS D 19 -28.26 -43.10 23.00
N GLY D 20 -29.06 -42.58 23.95
CA GLY D 20 -30.52 -42.69 23.91
C GLY D 20 -31.16 -41.75 22.88
N SER D 21 -31.19 -40.45 23.14
CA SER D 21 -31.74 -39.45 22.21
C SER D 21 -31.00 -38.13 22.22
N LEU D 22 -31.06 -37.40 21.10
CA LEU D 22 -30.35 -36.13 20.95
C LEU D 22 -31.15 -34.89 21.41
N GLY D 23 -32.31 -35.09 22.04
CA GLY D 23 -33.08 -34.01 22.67
C GLY D 23 -33.57 -32.85 21.81
N ASN D 24 -33.60 -31.65 22.40
CA ASN D 24 -34.02 -30.41 21.75
C ASN D 24 -32.84 -29.46 21.64
N ILE D 25 -32.48 -29.04 20.43
CA ILE D 25 -31.32 -28.17 20.20
C ILE D 25 -31.79 -26.94 19.45
N HIS D 26 -31.66 -25.76 20.06
CA HIS D 26 -32.03 -24.49 19.45
C HIS D 26 -30.77 -23.66 19.21
N HIS D 27 -30.60 -23.15 18.01
CA HIS D 27 -29.47 -22.31 17.63
C HIS D 27 -30.03 -21.00 17.05
N LYS D 28 -30.09 -19.96 17.88
CA LYS D 28 -30.76 -18.68 17.59
C LYS D 28 -29.85 -17.47 17.82
N PRO D 29 -28.68 -17.37 17.18
CA PRO D 29 -27.82 -16.19 17.30
C PRO D 29 -28.46 -14.94 16.67
N GLY D 30 -28.26 -13.78 17.28
CA GLY D 30 -28.65 -12.48 16.70
C GLY D 30 -27.83 -12.12 15.47
N GLY D 31 -28.37 -11.25 14.62
CA GLY D 31 -27.72 -10.86 13.37
C GLY D 31 -26.43 -10.09 13.58
N GLY D 32 -25.34 -10.56 12.98
CA GLY D 32 -24.02 -9.93 13.06
C GLY D 32 -23.74 -8.92 11.94
N GLN D 33 -22.53 -8.39 11.91
CA GLN D 33 -22.03 -7.51 10.84
C GLN D 33 -20.50 -7.57 10.74
N VAL D 34 -19.96 -7.61 9.53
CA VAL D 34 -18.50 -7.63 9.29
C VAL D 34 -18.12 -6.61 8.21
N GLU D 35 -17.03 -5.87 8.40
CA GLU D 35 -16.48 -4.98 7.38
C GLU D 35 -14.95 -5.07 7.29
N VAL D 36 -14.39 -5.13 6.08
CA VAL D 36 -12.93 -5.13 5.85
C VAL D 36 -12.53 -4.15 4.75
N LYS D 37 -11.47 -3.38 4.95
CA LYS D 37 -10.87 -2.50 3.93
C LYS D 37 -9.37 -2.77 3.78
N SER D 38 -8.92 -2.84 2.55
CA SER D 38 -7.50 -2.87 2.19
C SER D 38 -7.28 -2.17 0.85
N GLU D 39 -6.09 -2.25 0.26
CA GLU D 39 -5.83 -1.66 -1.06
C GLU D 39 -5.13 -2.67 -2.00
N LYS D 40 -4.13 -3.42 -1.52
CA LYS D 40 -3.44 -4.45 -2.32
C LYS D 40 -3.31 -5.79 -1.58
N LEU D 41 -3.55 -6.88 -2.30
CA LEU D 41 -3.22 -8.25 -1.91
C LEU D 41 -2.35 -8.90 -2.98
N ASP D 42 -1.25 -9.51 -2.56
CA ASP D 42 -0.20 -10.01 -3.45
C ASP D 42 0.39 -11.30 -2.89
N PHE D 43 -0.08 -12.45 -3.37
CA PHE D 43 0.21 -13.77 -2.81
C PHE D 43 1.06 -14.61 -3.76
N LYS D 44 2.12 -15.25 -3.26
CA LYS D 44 3.03 -16.08 -4.03
C LYS D 44 3.34 -17.41 -3.33
N ASP D 45 3.30 -18.51 -4.06
CA ASP D 45 3.85 -19.82 -3.69
C ASP D 45 3.22 -20.49 -2.44
N ARG D 46 2.19 -21.32 -2.65
CA ARG D 46 1.44 -22.06 -1.60
C ARG D 46 0.81 -21.15 -0.56
N VAL D 47 -0.32 -20.53 -0.90
CA VAL D 47 -1.04 -19.58 -0.02
C VAL D 47 -2.52 -19.94 0.12
N GLN D 48 -3.07 -19.83 1.32
CA GLN D 48 -4.51 -19.84 1.60
C GLN D 48 -4.95 -18.54 2.28
N SER D 49 -6.18 -18.10 2.05
CA SER D 49 -6.79 -17.01 2.83
C SER D 49 -8.31 -17.11 2.89
N LYS D 50 -8.90 -16.51 3.93
CA LYS D 50 -10.33 -16.20 4.02
C LYS D 50 -10.48 -14.76 4.48
N ILE D 51 -11.33 -13.98 3.82
CA ILE D 51 -11.54 -12.57 4.16
C ILE D 51 -13.03 -12.29 4.26
N GLY D 52 -13.51 -11.80 5.40
CA GLY D 52 -14.89 -11.39 5.60
C GLY D 52 -15.89 -12.54 5.48
N SER D 53 -16.11 -13.30 6.56
CA SER D 53 -16.91 -14.52 6.47
C SER D 53 -17.80 -14.78 7.70
N LEU D 54 -18.93 -14.09 7.77
CA LEU D 54 -19.96 -14.31 8.79
C LEU D 54 -20.62 -15.68 8.63
N ASP D 55 -20.63 -16.49 9.68
CA ASP D 55 -20.76 -17.95 9.53
C ASP D 55 -21.50 -18.59 10.72
N ASN D 56 -22.63 -19.26 10.47
CA ASN D 56 -23.44 -19.95 11.48
C ASN D 56 -23.55 -21.45 11.19
N ILE D 57 -23.19 -22.33 12.12
CA ILE D 57 -23.23 -23.79 11.92
C ILE D 57 -23.96 -24.48 13.06
N THR D 58 -24.93 -25.34 12.73
CA THR D 58 -25.42 -26.39 13.63
C THR D 58 -24.97 -27.74 13.12
N HIS D 59 -24.34 -28.57 13.95
CA HIS D 59 -23.78 -29.86 13.54
C HIS D 59 -24.07 -30.90 14.61
N VAL D 60 -24.97 -31.84 14.33
CA VAL D 60 -25.55 -32.75 15.33
C VAL D 60 -25.49 -34.19 14.84
N PRO D 61 -24.29 -34.77 14.66
CA PRO D 61 -24.19 -36.14 14.21
C PRO D 61 -24.63 -37.12 15.30
N GLY D 62 -25.36 -38.17 14.94
CA GLY D 62 -25.71 -39.29 15.82
C GLY D 62 -24.52 -40.21 16.12
N GLY D 63 -23.45 -39.63 16.68
CA GLY D 63 -22.12 -40.21 16.76
C GLY D 63 -21.23 -39.73 15.62
N GLY D 64 -20.07 -39.16 15.96
CA GLY D 64 -19.08 -38.64 15.02
C GLY D 64 -17.68 -39.18 15.30
N ASN D 65 -17.60 -40.45 15.68
CA ASN D 65 -16.37 -41.13 16.06
C ASN D 65 -15.39 -41.37 14.91
N LYS D 66 -14.08 -41.43 15.18
CA LYS D 66 -13.09 -41.72 14.12
C LYS D 66 -11.82 -42.43 14.57
N LYS D 67 -11.15 -43.10 13.63
CA LYS D 67 -9.78 -43.60 13.75
C LYS D 67 -8.93 -43.01 12.62
N ILE D 68 -7.81 -42.40 12.93
CA ILE D 68 -6.83 -41.94 11.95
C ILE D 68 -5.57 -42.77 12.15
N GLU D 69 -5.07 -43.43 11.12
CA GLU D 69 -3.91 -44.32 11.25
C GLU D 69 -2.95 -44.20 10.07
N THR D 70 -1.65 -44.26 10.30
CA THR D 70 -0.66 -44.31 9.21
C THR D 70 0.45 -45.31 9.48
N HIS D 71 1.04 -45.84 8.41
CA HIS D 71 2.23 -46.70 8.42
C HIS D 71 3.23 -46.19 7.41
N LYS D 72 4.51 -46.14 7.78
CA LYS D 72 5.60 -45.87 6.86
C LYS D 72 6.79 -46.79 7.12
N LEU D 73 7.36 -47.33 6.06
CA LEU D 73 8.65 -47.98 6.05
C LEU D 73 9.50 -47.38 4.94
N THR D 74 10.73 -46.99 5.23
CA THR D 74 11.67 -46.45 4.25
C THR D 74 13.03 -47.10 4.41
N PHE D 75 13.67 -47.40 3.28
CA PHE D 75 14.91 -48.16 3.22
C PHE D 75 15.87 -47.54 2.22
N ARG D 76 17.15 -47.42 2.57
CA ARG D 76 18.22 -47.02 1.65
C ARG D 76 19.47 -47.87 1.81
N GLY E 1 28.67 -58.39 8.22
CA GLY E 1 27.56 -58.69 9.12
C GLY E 1 26.19 -58.66 8.44
N SER E 2 25.14 -58.97 9.20
CA SER E 2 23.75 -59.07 8.71
C SER E 2 22.74 -58.66 9.78
N VAL E 3 21.53 -58.26 9.37
CA VAL E 3 20.55 -57.58 10.22
C VAL E 3 19.17 -58.21 10.10
N GLN E 4 18.47 -58.37 11.23
CA GLN E 4 17.04 -58.72 11.26
C GLN E 4 16.29 -57.71 12.11
N ILE E 5 15.17 -57.18 11.60
CA ILE E 5 14.30 -56.24 12.32
C ILE E 5 12.90 -56.82 12.31
N VAL E 6 12.28 -56.97 13.48
CA VAL E 6 11.02 -57.71 13.62
C VAL E 6 10.02 -56.85 14.38
N TYR E 7 9.16 -56.15 13.64
CA TYR E 7 8.26 -55.12 14.16
C TYR E 7 6.84 -55.68 14.26
N LYS E 8 6.33 -55.89 15.49
CA LYS E 8 5.07 -56.62 15.74
C LYS E 8 4.15 -55.98 16.81
N PRO E 9 3.93 -54.66 16.86
CA PRO E 9 3.07 -54.06 17.87
C PRO E 9 1.61 -54.53 17.74
N VAL E 10 0.90 -54.64 18.86
CA VAL E 10 -0.49 -55.13 18.93
C VAL E 10 -1.36 -54.15 19.70
N ASP E 11 -2.53 -53.80 19.17
CA ASP E 11 -3.57 -53.06 19.90
C ASP E 11 -4.85 -53.86 20.00
N LEU E 12 -5.28 -54.16 21.23
CA LEU E 12 -6.60 -54.75 21.54
C LEU E 12 -7.54 -53.72 22.18
N SER E 13 -7.38 -52.46 21.76
CA SER E 13 -7.89 -51.28 22.47
C SER E 13 -9.38 -51.03 22.23
N LYS E 14 -10.05 -50.42 23.20
CA LYS E 14 -11.38 -49.83 23.03
C LYS E 14 -11.42 -48.37 23.47
N VAL E 15 -12.08 -47.52 22.70
CA VAL E 15 -12.40 -46.14 23.06
C VAL E 15 -13.91 -45.99 22.99
N THR E 16 -14.57 -45.49 24.03
CA THR E 16 -16.02 -45.74 24.22
C THR E 16 -16.71 -44.59 24.92
N SER E 17 -18.02 -44.45 24.65
CA SER E 17 -18.96 -43.57 25.33
C SER E 17 -20.29 -44.30 25.52
N LYS E 18 -20.98 -44.09 26.65
CA LYS E 18 -22.37 -44.46 26.90
C LYS E 18 -23.07 -43.25 27.51
N CYS E 19 -24.24 -42.86 27.01
CA CYS E 19 -24.94 -41.66 27.47
C CYS E 19 -26.47 -41.83 27.44
N GLY E 20 -27.19 -41.23 28.40
CA GLY E 20 -28.65 -41.32 28.49
C GLY E 20 -29.38 -40.48 27.43
N SER E 21 -29.31 -39.15 27.55
CA SER E 21 -29.91 -38.21 26.60
C SER E 21 -29.15 -36.89 26.57
N LEU E 22 -29.27 -36.12 25.48
CA LEU E 22 -28.61 -34.82 25.36
C LEU E 22 -29.45 -33.60 25.81
N GLY E 23 -30.61 -33.81 26.44
CA GLY E 23 -31.40 -32.73 27.05
C GLY E 23 -31.85 -31.59 26.15
N ASN E 24 -31.90 -30.37 26.72
CA ASN E 24 -32.30 -29.14 26.05
C ASN E 24 -31.08 -28.23 25.96
N ILE E 25 -30.67 -27.85 24.75
CA ILE E 25 -29.47 -27.03 24.53
C ILE E 25 -29.85 -25.79 23.75
N HIS E 26 -29.65 -24.62 24.33
CA HIS E 26 -29.94 -23.33 23.70
C HIS E 26 -28.63 -22.62 23.43
N HIS E 27 -28.44 -22.13 22.21
CA HIS E 27 -27.30 -21.31 21.84
C HIS E 27 -27.84 -20.01 21.26
N LYS E 28 -27.92 -18.99 22.12
CA LYS E 28 -28.76 -17.80 21.91
C LYS E 28 -27.99 -16.48 22.13
N PRO E 29 -26.80 -16.29 21.52
CA PRO E 29 -25.97 -15.09 21.69
C PRO E 29 -26.57 -13.84 21.02
N GLY E 30 -26.37 -12.67 21.62
CA GLY E 30 -26.65 -11.39 20.96
C GLY E 30 -25.69 -11.12 19.78
N GLY E 31 -26.14 -10.28 18.84
CA GLY E 31 -25.39 -9.98 17.61
C GLY E 31 -24.10 -9.20 17.84
N GLY E 32 -22.98 -9.68 17.29
CA GLY E 32 -21.67 -9.02 17.35
C GLY E 32 -21.43 -8.05 16.20
N GLN E 33 -20.20 -7.52 16.12
CA GLN E 33 -19.74 -6.65 15.03
C GLN E 33 -18.21 -6.68 14.92
N VAL E 34 -17.68 -6.72 13.70
CA VAL E 34 -16.22 -6.75 13.43
C VAL E 34 -15.85 -5.75 12.34
N GLU E 35 -14.75 -5.02 12.51
CA GLU E 35 -14.21 -4.14 11.49
C GLU E 35 -12.68 -4.23 11.41
N VAL E 36 -12.10 -4.30 10.20
CA VAL E 36 -10.64 -4.34 9.99
C VAL E 36 -10.21 -3.38 8.89
N LYS E 37 -9.13 -2.63 9.10
CA LYS E 37 -8.53 -1.75 8.09
C LYS E 37 -7.04 -2.03 7.92
N SER E 38 -6.60 -2.09 6.68
CA SER E 38 -5.18 -2.19 6.32
C SER E 38 -4.94 -1.52 4.97
N GLU E 39 -3.76 -1.69 4.37
CA GLU E 39 -3.43 -1.13 3.05
C GLU E 39 -2.81 -2.18 2.14
N LYS E 40 -1.82 -2.94 2.62
CA LYS E 40 -1.13 -3.98 1.85
C LYS E 40 -1.02 -5.30 2.58
N LEU E 41 -1.25 -6.40 1.87
CA LEU E 41 -0.91 -7.76 2.27
C LEU E 41 -0.03 -8.39 1.19
N ASP E 42 1.08 -8.98 1.61
CA ASP E 42 2.13 -9.49 0.71
C ASP E 42 2.73 -10.76 1.32
N PHE E 43 2.23 -11.91 0.88
CA PHE E 43 2.51 -13.24 1.43
C PHE E 43 3.30 -14.11 0.46
N LYS E 44 4.35 -14.76 0.95
CA LYS E 44 5.26 -15.59 0.17
C LYS E 44 5.52 -16.92 0.87
N ASP E 45 5.47 -18.03 0.14
CA ASP E 45 6.03 -19.34 0.52
C ASP E 45 5.39 -20.00 1.77
N ARG E 46 4.36 -20.82 1.57
CA ARG E 46 3.62 -21.59 2.59
C ARG E 46 2.96 -20.71 3.67
N VAL E 47 1.82 -20.11 3.35
CA VAL E 47 1.09 -19.16 4.23
C VAL E 47 -0.39 -19.51 4.39
N GLN E 48 -0.92 -19.35 5.60
CA GLN E 48 -2.37 -19.30 5.89
C GLN E 48 -2.76 -17.97 6.55
N SER E 49 -3.98 -17.48 6.32
CA SER E 49 -4.57 -16.39 7.10
C SER E 49 -6.09 -16.44 7.13
N LYS E 50 -6.69 -15.83 8.15
CA LYS E 50 -8.12 -15.50 8.24
C LYS E 50 -8.25 -14.05 8.67
N ILE E 51 -9.10 -13.26 8.02
CA ILE E 51 -9.32 -11.85 8.36
C ILE E 51 -10.82 -11.57 8.47
N GLY E 52 -11.28 -11.10 9.63
CA GLY E 52 -12.67 -10.71 9.85
C GLY E 52 -13.67 -11.85 9.74
N SER E 53 -13.89 -12.60 10.80
CA SER E 53 -14.71 -13.82 10.76
C SER E 53 -15.57 -14.02 12.00
N LEU E 54 -16.67 -13.26 12.09
CA LEU E 54 -17.69 -13.44 13.12
C LEU E 54 -18.40 -14.79 12.93
N ASP E 55 -18.41 -15.65 13.94
CA ASP E 55 -18.53 -17.10 13.73
C ASP E 55 -19.23 -17.79 14.91
N ASN E 56 -20.37 -18.41 14.69
CA ASN E 56 -21.20 -19.10 15.70
C ASN E 56 -21.33 -20.59 15.39
N ILE E 57 -20.97 -21.47 16.34
CA ILE E 57 -21.03 -22.92 16.15
C ILE E 57 -21.80 -23.57 17.29
N THR E 58 -22.77 -24.42 16.98
CA THR E 58 -23.28 -25.44 17.90
C THR E 58 -22.85 -26.81 17.39
N HIS E 59 -22.22 -27.62 18.22
CA HIS E 59 -21.69 -28.92 17.82
C HIS E 59 -22.00 -29.94 18.91
N VAL E 60 -22.94 -30.84 18.64
CA VAL E 60 -23.54 -31.71 19.65
C VAL E 60 -23.50 -33.15 19.17
N PRO E 61 -22.32 -33.76 19.03
CA PRO E 61 -22.24 -35.15 18.63
C PRO E 61 -22.76 -36.06 19.74
N GLY E 62 -23.50 -37.10 19.38
CA GLY E 62 -23.84 -38.22 20.27
C GLY E 62 -22.65 -39.13 20.55
N GLY E 63 -21.56 -38.58 21.06
CA GLY E 63 -20.23 -39.16 21.15
C GLY E 63 -19.33 -38.74 19.99
N GLY E 64 -18.17 -38.17 20.32
CA GLY E 64 -17.16 -37.66 19.38
C GLY E 64 -15.76 -38.22 19.70
N ASN E 65 -15.70 -39.49 20.06
CA ASN E 65 -14.49 -40.18 20.47
C ASN E 65 -13.52 -40.42 19.30
N LYS E 66 -12.22 -40.49 19.57
CA LYS E 66 -11.23 -40.75 18.51
C LYS E 66 -9.99 -41.48 19.01
N LYS E 67 -9.32 -42.17 18.08
CA LYS E 67 -7.97 -42.73 18.24
C LYS E 67 -7.07 -42.22 17.10
N ILE E 68 -5.94 -41.61 17.40
CA ILE E 68 -4.98 -41.09 16.41
C ILE E 68 -3.68 -41.85 16.57
N GLU E 69 -3.18 -42.48 15.51
CA GLU E 69 -2.08 -43.43 15.61
C GLU E 69 -1.13 -43.36 14.41
N THR E 70 0.17 -43.50 14.63
CA THR E 70 1.15 -43.61 13.54
C THR E 70 2.19 -44.69 13.84
N HIS E 71 2.76 -45.29 12.80
CA HIS E 71 3.89 -46.20 12.87
C HIS E 71 4.95 -45.77 11.86
N LYS E 72 6.22 -45.78 12.23
CA LYS E 72 7.32 -45.51 11.32
C LYS E 72 8.50 -46.43 11.62
N LEU E 73 9.11 -46.98 10.57
CA LEU E 73 10.43 -47.60 10.61
C LEU E 73 11.29 -47.00 9.50
N THR E 74 12.53 -46.65 9.79
CA THR E 74 13.48 -46.10 8.82
C THR E 74 14.83 -46.79 8.94
N PHE E 75 15.44 -47.12 7.81
CA PHE E 75 16.68 -47.88 7.73
C PHE E 75 17.63 -47.29 6.71
N ARG E 76 18.92 -47.19 7.04
CA ARG E 76 20.00 -46.84 6.12
C ARG E 76 21.22 -47.75 6.29
N GLY F 1 25.32 -59.27 -1.72
CA GLY F 1 24.32 -59.29 -0.65
C GLY F 1 22.88 -59.46 -1.15
N SER F 2 21.92 -59.57 -0.23
CA SER F 2 20.49 -59.72 -0.54
C SER F 2 19.59 -59.12 0.54
N VAL F 3 18.35 -58.77 0.17
CA VAL F 3 17.39 -58.10 1.06
C VAL F 3 16.01 -58.74 0.94
N GLN F 4 15.31 -58.94 2.06
CA GLN F 4 13.91 -59.39 2.10
C GLN F 4 13.07 -58.47 3.00
N ILE F 5 11.90 -58.06 2.51
CA ILE F 5 10.95 -57.23 3.25
C ILE F 5 9.60 -57.93 3.24
N VAL F 6 8.99 -58.12 4.41
CA VAL F 6 7.75 -58.88 4.57
C VAL F 6 6.74 -58.04 5.34
N TYR F 7 5.88 -57.34 4.61
CA TYR F 7 4.96 -56.34 5.12
C TYR F 7 3.53 -56.91 5.17
N LYS F 8 2.98 -57.16 6.37
CA LYS F 8 1.71 -57.89 6.57
C LYS F 8 0.79 -57.30 7.65
N PRO F 9 0.53 -55.98 7.68
CA PRO F 9 -0.33 -55.37 8.71
C PRO F 9 -1.76 -55.92 8.66
N VAL F 10 -2.43 -56.03 9.82
CA VAL F 10 -3.81 -56.56 9.94
C VAL F 10 -4.71 -55.64 10.77
N ASP F 11 -5.91 -55.36 10.28
CA ASP F 11 -7.00 -54.77 11.06
C ASP F 11 -8.22 -55.70 11.08
N LEU F 12 -8.69 -56.10 12.25
CA LEU F 12 -10.05 -56.60 12.46
C LEU F 12 -10.92 -55.53 13.16
N SER F 13 -10.62 -54.26 12.87
CA SER F 13 -11.10 -53.09 13.62
C SER F 13 -12.52 -52.63 13.23
N LYS F 14 -13.25 -52.02 14.17
CA LYS F 14 -14.58 -51.44 13.92
C LYS F 14 -14.74 -50.01 14.46
N VAL F 15 -15.42 -49.15 13.71
CA VAL F 15 -15.81 -47.79 14.11
C VAL F 15 -17.32 -47.69 14.02
N THR F 16 -18.02 -47.29 15.10
CA THR F 16 -19.44 -47.65 15.27
C THR F 16 -20.20 -46.60 16.06
N SER F 17 -21.51 -46.51 15.81
CA SER F 17 -22.46 -45.72 16.59
C SER F 17 -23.75 -46.51 16.79
N LYS F 18 -24.43 -46.35 17.93
CA LYS F 18 -25.84 -46.70 18.11
C LYS F 18 -26.56 -45.53 18.75
N CYS F 19 -27.69 -45.12 18.20
CA CYS F 19 -28.46 -43.99 18.70
C CYS F 19 -29.97 -44.24 18.54
N GLY F 20 -30.79 -43.82 19.50
CA GLY F 20 -32.24 -44.01 19.47
C GLY F 20 -32.94 -43.08 18.48
N SER F 21 -32.90 -41.77 18.73
CA SER F 21 -33.54 -40.77 17.85
C SER F 21 -32.82 -39.41 17.86
N LEU F 22 -32.96 -38.66 16.75
CA LEU F 22 -32.25 -37.39 16.54
C LEU F 22 -33.03 -36.15 17.03
N GLY F 23 -34.17 -36.32 17.69
CA GLY F 23 -34.92 -35.24 18.34
C GLY F 23 -35.41 -34.08 17.46
N ASN F 24 -35.49 -32.88 18.05
CA ASN F 24 -35.93 -31.63 17.42
C ASN F 24 -34.78 -30.63 17.34
N ILE F 25 -34.41 -30.20 16.15
CA ILE F 25 -33.27 -29.30 15.95
C ILE F 25 -33.75 -28.07 15.19
N HIS F 26 -33.67 -26.90 15.79
CA HIS F 26 -34.05 -25.64 15.16
C HIS F 26 -32.80 -24.79 14.92
N HIS F 27 -32.61 -24.33 13.70
CA HIS F 27 -31.46 -23.51 13.32
C HIS F 27 -32.02 -22.23 12.74
N LYS F 28 -32.09 -21.21 13.59
CA LYS F 28 -32.99 -20.06 13.42
C LYS F 28 -32.25 -18.73 13.62
N PRO F 29 -31.10 -18.50 12.95
CA PRO F 29 -30.27 -17.30 13.12
C PRO F 29 -30.92 -16.02 12.56
N GLY F 30 -30.67 -14.88 13.20
CA GLY F 30 -31.00 -13.58 12.61
C GLY F 30 -30.16 -13.23 11.38
N GLY F 31 -30.66 -12.33 10.53
CA GLY F 31 -30.01 -11.93 9.28
C GLY F 31 -28.71 -11.12 9.48
N GLY F 32 -27.63 -11.55 8.82
CA GLY F 32 -26.31 -10.91 8.86
C GLY F 32 -26.05 -9.88 7.76
N GLN F 33 -24.83 -9.35 7.71
CA GLN F 33 -24.36 -8.44 6.66
C GLN F 33 -22.82 -8.47 6.59
N VAL F 34 -22.25 -8.45 5.38
CA VAL F 34 -20.80 -8.46 5.14
C VAL F 34 -20.43 -7.44 4.07
N GLU F 35 -19.34 -6.69 4.26
CA GLU F 35 -18.77 -5.82 3.23
C GLU F 35 -17.23 -5.90 3.17
N VAL F 36 -16.66 -5.97 1.97
CA VAL F 36 -15.20 -5.95 1.75
C VAL F 36 -14.83 -4.97 0.65
N LYS F 37 -13.77 -4.18 0.83
CA LYS F 37 -13.19 -3.31 -0.21
C LYS F 37 -11.69 -3.55 -0.38
N SER F 38 -11.23 -3.64 -1.61
CA SER F 38 -9.82 -3.56 -1.97
C SER F 38 -9.66 -2.97 -3.38
N GLU F 39 -8.44 -2.91 -3.93
CA GLU F 39 -8.18 -2.27 -5.23
C GLU F 39 -7.39 -3.15 -6.20
N LYS F 40 -6.39 -3.92 -5.74
CA LYS F 40 -5.70 -4.95 -6.54
C LYS F 40 -5.55 -6.28 -5.80
N LEU F 41 -5.80 -7.38 -6.51
CA LEU F 41 -5.47 -8.76 -6.09
C LEU F 41 -4.60 -9.44 -7.14
N ASP F 42 -3.50 -10.05 -6.72
CA ASP F 42 -2.47 -10.60 -7.61
C ASP F 42 -1.88 -11.89 -7.02
N PHE F 43 -2.38 -13.03 -7.50
CA PHE F 43 -2.08 -14.36 -6.95
C PHE F 43 -1.22 -15.17 -7.93
N LYS F 44 -0.15 -15.78 -7.45
CA LYS F 44 0.78 -16.59 -8.26
C LYS F 44 1.14 -17.90 -7.56
N ASP F 45 1.10 -19.01 -8.30
CA ASP F 45 1.66 -20.32 -7.94
C ASP F 45 1.07 -20.98 -6.67
N ARG F 46 0.05 -21.85 -6.87
CA ARG F 46 -0.68 -22.59 -5.82
C ARG F 46 -1.33 -21.68 -4.77
N VAL F 47 -2.48 -21.11 -5.11
CA VAL F 47 -3.22 -20.17 -4.25
C VAL F 47 -4.69 -20.59 -4.10
N GLN F 48 -5.25 -20.47 -2.90
CA GLN F 48 -6.69 -20.46 -2.64
C GLN F 48 -7.11 -19.16 -1.95
N SER F 49 -8.34 -18.71 -2.19
CA SER F 49 -8.98 -17.67 -1.38
C SER F 49 -10.50 -17.80 -1.34
N LYS F 50 -11.11 -17.24 -0.30
CA LYS F 50 -12.54 -16.92 -0.24
C LYS F 50 -12.66 -15.48 0.26
N ILE F 51 -13.48 -14.67 -0.42
CA ILE F 51 -13.70 -13.27 -0.07
C ILE F 51 -15.21 -13.01 0.02
N GLY F 52 -15.69 -12.55 1.15
CA GLY F 52 -17.07 -12.11 1.36
C GLY F 52 -18.07 -13.26 1.23
N SER F 53 -18.29 -14.03 2.29
CA SER F 53 -19.09 -15.25 2.22
C SER F 53 -19.97 -15.50 3.46
N LEU F 54 -21.12 -14.82 3.53
CA LEU F 54 -22.17 -15.08 4.52
C LEU F 54 -22.72 -16.49 4.36
N ASP F 55 -22.75 -17.31 5.40
CA ASP F 55 -22.91 -18.77 5.26
C ASP F 55 -23.63 -19.43 6.45
N ASN F 56 -24.74 -20.12 6.21
CA ASN F 56 -25.54 -20.85 7.22
C ASN F 56 -25.59 -22.35 6.90
N ILE F 57 -25.24 -23.24 7.84
CA ILE F 57 -25.25 -24.69 7.64
C ILE F 57 -26.00 -25.41 8.76
N THR F 58 -26.91 -26.32 8.43
CA THR F 58 -27.38 -27.39 9.31
C THR F 58 -26.87 -28.73 8.80
N HIS F 59 -26.29 -29.58 9.64
CA HIS F 59 -25.74 -30.88 9.24
C HIS F 59 -26.05 -31.92 10.30
N VAL F 60 -26.94 -32.87 10.01
CA VAL F 60 -27.50 -33.80 11.01
C VAL F 60 -27.44 -35.24 10.48
N PRO F 61 -26.25 -35.83 10.26
CA PRO F 61 -26.16 -37.20 9.80
C PRO F 61 -26.57 -38.18 10.91
N GLY F 62 -27.26 -39.26 10.57
CA GLY F 62 -27.59 -40.37 11.49
C GLY F 62 -26.40 -41.27 11.81
N GLY F 63 -25.34 -40.65 12.33
CA GLY F 63 -23.99 -41.20 12.42
C GLY F 63 -23.13 -40.71 11.26
N GLY F 64 -22.01 -40.07 11.57
CA GLY F 64 -21.02 -39.53 10.64
C GLY F 64 -19.61 -40.01 10.95
N ASN F 65 -19.48 -41.27 11.34
CA ASN F 65 -18.23 -41.91 11.74
C ASN F 65 -17.30 -42.16 10.55
N LYS F 66 -15.98 -42.21 10.76
CA LYS F 66 -15.02 -42.50 9.67
C LYS F 66 -13.74 -43.18 10.10
N LYS F 67 -13.07 -43.84 9.16
CA LYS F 67 -11.73 -44.41 9.28
C LYS F 67 -10.85 -43.87 8.16
N ILE F 68 -9.71 -43.28 8.50
CA ILE F 68 -8.70 -42.80 7.53
C ILE F 68 -7.42 -43.59 7.76
N GLU F 69 -6.91 -44.23 6.72
CA GLU F 69 -5.75 -45.11 6.84
C GLU F 69 -4.81 -44.95 5.65
N THR F 70 -3.51 -44.92 5.89
CA THR F 70 -2.50 -44.90 4.82
C THR F 70 -1.35 -45.86 5.09
N HIS F 71 -0.74 -46.36 4.02
CA HIS F 71 0.45 -47.20 4.03
C HIS F 71 1.46 -46.66 3.02
N LYS F 72 2.74 -46.61 3.36
CA LYS F 72 3.80 -46.35 2.39
C LYS F 72 5.02 -47.23 2.66
N LEU F 73 5.56 -47.80 1.60
CA LEU F 73 6.86 -48.47 1.56
C LEU F 73 7.68 -47.83 0.44
N THR F 74 8.92 -47.45 0.71
CA THR F 74 9.83 -46.90 -0.30
C THR F 74 11.23 -47.48 -0.12
N PHE F 75 11.91 -47.79 -1.22
CA PHE F 75 13.18 -48.50 -1.24
C PHE F 75 14.13 -47.86 -2.25
N ARG F 76 15.41 -47.65 -1.90
CA ARG F 76 16.43 -47.14 -2.83
C ARG F 76 17.75 -47.91 -2.71
#